data_6MA6
#
_entry.id   6MA6
#
_cell.length_a   76.935
_cell.length_b   101.457
_cell.length_c   127.406
_cell.angle_alpha   90.00
_cell.angle_beta   90.00
_cell.angle_gamma   90.00
#
_symmetry.space_group_name_H-M   'I 2 2 2'
#
loop_
_entity.id
_entity.type
_entity.pdbx_description
1 polymer 'Cytochrome P450 3A4'
2 non-polymer 'PROTOPORPHYRIN IX CONTAINING FE'
3 non-polymer GLYCEROL
4 non-polymer METYRAPONE
5 non-polymer 1,2-ETHANEDIOL
6 water water
#
_entity_poly.entity_id   1
_entity_poly.type   'polypeptide(L)'
_entity_poly.pdbx_seq_one_letter_code
;MAYLYGTHSHGLFKKLGIPGPTPLPFLGNILSYHKGFCMFDMECHKKYGKVWGFYDGQQPVLAITDPDMIKTVLVKECYS
VFTNRRPFGPVGFMKSAISIAEDEEWKRLRSLLSPTFTSGKLKEMVPIIAQYGDVLVRNLRREAETGKPVTLKDVFGAYS
MDVITSTSFGVNIDSLNNPQDPFVENTKKLLRFDFLDPFFLSITVFPFLIPILEVLNICVFPREVTNFLRKSVKRMKESR
LEDTQKHRVDFLQLMIDSQNSKETESHKALSDLELVAQSIIFIFAGYETTSSVLSFIMYELATHPDVQQKLQEEIDAVLP
NKAPPTYDTVLQMEYLDMVVNETLRLFPIAMRLERVCKKDVEINGMFIPKGVVVMIPSYALHRDPKYWTEPEKFLPERFS
KKNKDNIDPYIYTPFGSGPRNCIGMRFALMNMKLALIRVLQNFSFKPCKETQIPLKLSLGGLLQPEKPVVLKVESRDGTV
SGAHHHH
;
_entity_poly.pdbx_strand_id   A
#
loop_
_chem_comp.id
_chem_comp.type
_chem_comp.name
_chem_comp.formula
EDO non-polymer 1,2-ETHANEDIOL 'C2 H6 O2'
GOL non-polymer GLYCEROL 'C3 H8 O3'
HEM non-polymer 'PROTOPORPHYRIN IX CONTAINING FE' 'C34 H32 Fe N4 O4'
MYT non-polymer METYRAPONE 'C14 H14 N2 O'
#
# COMPACT_ATOMS: atom_id res chain seq x y z
N GLY A 6 -34.68 -6.10 -2.59
CA GLY A 6 -33.49 -5.34 -2.86
C GLY A 6 -33.02 -4.68 -1.59
N THR A 7 -33.98 -4.33 -0.76
CA THR A 7 -33.69 -3.69 0.51
C THR A 7 -33.79 -4.74 1.58
N HIS A 8 -33.28 -5.92 1.31
CA HIS A 8 -33.35 -7.00 2.28
C HIS A 8 -32.75 -6.63 3.62
N SER A 9 -31.51 -6.03 3.59
CA SER A 9 -30.84 -5.68 4.81
C SER A 9 -30.73 -4.22 5.06
N HIS A 10 -31.39 -3.43 4.26
CA HIS A 10 -31.31 -2.01 4.41
C HIS A 10 -31.91 -1.42 5.65
N GLY A 11 -32.33 -2.25 6.58
CA GLY A 11 -32.92 -1.74 7.78
C GLY A 11 -32.16 -2.12 8.99
N LEU A 12 -30.99 -2.68 8.79
CA LEU A 12 -30.20 -3.13 9.91
C LEU A 12 -29.74 -2.06 10.83
N PHE A 13 -29.23 -1.00 10.29
CA PHE A 13 -28.69 0.06 11.14
C PHE A 13 -29.76 0.92 11.82
N LYS A 14 -30.97 1.02 11.29
CA LYS A 14 -31.97 1.77 12.05
C LYS A 14 -32.55 0.94 13.18
N LYS A 15 -32.43 -0.39 13.09
CA LYS A 15 -32.77 -1.30 14.18
C LYS A 15 -31.74 -1.26 15.31
N LEU A 16 -30.45 -1.12 15.00
CA LEU A 16 -29.43 -1.02 16.04
C LEU A 16 -29.28 0.41 16.56
N GLY A 17 -29.98 1.38 15.94
CA GLY A 17 -29.89 2.76 16.35
C GLY A 17 -28.67 3.50 15.86
N ILE A 18 -28.04 3.02 14.80
CA ILE A 18 -26.82 3.62 14.25
C ILE A 18 -27.18 4.62 13.15
N PRO A 19 -26.64 5.84 13.18
CA PRO A 19 -26.97 6.83 12.14
C PRO A 19 -26.19 6.56 10.87
N GLY A 20 -26.77 6.97 9.74
CA GLY A 20 -26.14 6.78 8.45
C GLY A 20 -26.93 7.35 7.29
N PRO A 21 -26.27 7.58 6.15
CA PRO A 21 -27.01 8.03 4.97
C PRO A 21 -28.03 6.99 4.55
N THR A 22 -29.17 7.46 4.12
CA THR A 22 -30.25 6.55 3.80
C THR A 22 -30.02 5.89 2.45
N PRO A 23 -30.01 4.56 2.37
CA PRO A 23 -29.68 3.89 1.11
C PRO A 23 -30.86 3.81 0.14
N LEU A 24 -30.51 3.82 -1.14
CA LEU A 24 -31.45 3.50 -2.20
C LEU A 24 -31.55 1.98 -2.36
N PRO A 25 -32.70 1.50 -2.82
CA PRO A 25 -32.85 0.05 -3.12
C PRO A 25 -31.80 -0.45 -4.09
N PHE A 26 -31.30 -1.67 -3.81
CA PHE A 26 -30.29 -2.37 -4.61
C PHE A 26 -28.91 -1.71 -4.56
N LEU A 27 -28.82 -0.39 -4.79
CA LEU A 27 -27.53 0.28 -4.83
C LEU A 27 -26.97 0.57 -3.45
N GLY A 28 -27.81 0.55 -2.42
CA GLY A 28 -27.35 1.07 -1.17
C GLY A 28 -26.92 2.52 -1.35
N ASN A 29 -25.73 2.83 -0.84
CA ASN A 29 -25.24 4.20 -0.76
C ASN A 29 -24.20 4.50 -1.82
N ILE A 30 -24.04 3.65 -2.84
CA ILE A 30 -22.82 3.77 -3.63
C ILE A 30 -22.78 5.03 -4.46
N LEU A 31 -23.94 5.62 -4.79
CA LEU A 31 -23.89 6.83 -5.60
C LEU A 31 -23.06 7.92 -4.93
N SER A 32 -22.88 7.84 -3.62
CA SER A 32 -22.06 8.82 -2.90
C SER A 32 -20.58 8.62 -3.12
N TYR A 33 -20.17 7.56 -3.83
CA TYR A 33 -18.77 7.36 -4.20
C TYR A 33 -18.35 8.19 -5.41
N HIS A 34 -19.24 9.06 -5.93
CA HIS A 34 -18.89 9.88 -7.07
C HIS A 34 -17.82 10.91 -6.73
N LYS A 35 -17.69 11.26 -5.45
CA LYS A 35 -16.55 12.04 -4.97
C LYS A 35 -15.50 11.19 -4.29
N GLY A 36 -15.63 9.86 -4.39
CA GLY A 36 -14.62 8.94 -3.89
C GLY A 36 -14.77 8.61 -2.41
N PHE A 37 -13.98 7.61 -1.99
CA PHE A 37 -14.08 7.04 -0.64
C PHE A 37 -13.80 8.07 0.44
N CYS A 38 -12.74 8.85 0.25
CA CYS A 38 -12.23 9.71 1.31
C CYS A 38 -13.17 10.87 1.59
N MET A 39 -13.55 11.62 0.55
CA MET A 39 -14.53 12.68 0.76
C MET A 39 -15.85 12.13 1.28
N PHE A 40 -16.24 10.93 0.85
CA PHE A 40 -17.43 10.29 1.41
C PHE A 40 -17.25 10.07 2.90
N ASP A 41 -16.07 9.60 3.29
CA ASP A 41 -15.76 9.28 4.69
C ASP A 41 -15.63 10.53 5.56
N MET A 42 -14.93 11.57 5.07
CA MET A 42 -14.80 12.80 5.86
CA MET A 42 -14.79 12.79 5.87
C MET A 42 -16.15 13.39 6.16
N GLU A 43 -17.07 13.34 5.19
CA GLU A 43 -18.39 13.93 5.36
C GLU A 43 -19.23 13.10 6.31
N CYS A 44 -19.22 11.77 6.15
CA CYS A 44 -19.88 10.92 7.13
C CYS A 44 -19.36 11.18 8.53
N HIS A 45 -18.06 11.41 8.66
CA HIS A 45 -17.46 11.62 9.96
C HIS A 45 -17.95 12.92 10.59
N LYS A 46 -17.92 14.02 9.83
CA LYS A 46 -18.50 15.28 10.28
C LYS A 46 -19.96 15.08 10.67
N LYS A 47 -20.80 14.72 9.70
CA LYS A 47 -22.24 14.65 9.92
C LYS A 47 -22.61 13.76 11.10
N TYR A 48 -22.18 12.50 11.06
CA TYR A 48 -22.74 11.52 12.00
C TYR A 48 -21.89 11.29 13.23
N GLY A 49 -20.64 11.76 13.27
CA GLY A 49 -19.83 11.60 14.46
C GLY A 49 -18.81 10.46 14.49
N LYS A 50 -18.85 9.65 15.55
CA LYS A 50 -17.82 8.65 15.86
C LYS A 50 -18.10 7.24 15.31
N VAL A 51 -19.36 6.93 14.99
CA VAL A 51 -19.77 5.62 14.47
CA VAL A 51 -19.75 5.64 14.44
C VAL A 51 -20.90 5.86 13.48
N TRP A 52 -20.92 5.11 12.37
CA TRP A 52 -22.01 5.24 11.42
C TRP A 52 -22.02 4.03 10.50
N GLY A 53 -23.11 3.88 9.76
CA GLY A 53 -23.31 2.74 8.88
C GLY A 53 -23.79 3.16 7.51
N PHE A 54 -23.41 2.36 6.51
CA PHE A 54 -23.83 2.54 5.13
C PHE A 54 -23.76 1.17 4.47
N TYR A 55 -24.28 1.09 3.24
CA TYR A 55 -24.42 -0.18 2.55
C TYR A 55 -23.72 -0.10 1.19
N ASP A 56 -22.75 -0.99 0.96
CA ASP A 56 -22.20 -1.20 -0.38
C ASP A 56 -23.13 -2.19 -1.04
N GLY A 57 -24.15 -1.67 -1.72
CA GLY A 57 -25.25 -2.49 -2.20
C GLY A 57 -26.09 -2.98 -1.04
N GLN A 58 -26.12 -4.31 -0.85
CA GLN A 58 -26.75 -4.95 0.30
C GLN A 58 -25.78 -5.18 1.45
N GLN A 59 -24.44 -5.04 1.25
CA GLN A 59 -23.45 -5.29 2.30
C GLN A 59 -23.45 -4.18 3.34
N PRO A 60 -23.86 -4.45 4.58
CA PRO A 60 -23.69 -3.46 5.65
C PRO A 60 -22.21 -3.20 5.92
N VAL A 61 -21.89 -1.94 6.16
CA VAL A 61 -20.54 -1.55 6.54
C VAL A 61 -20.67 -0.59 7.73
N LEU A 62 -19.98 -0.91 8.83
CA LEU A 62 -19.97 -0.12 10.05
C LEU A 62 -18.62 0.58 10.18
N ALA A 63 -18.60 1.90 10.02
CA ALA A 63 -17.40 2.70 10.24
C ALA A 63 -17.19 2.96 11.73
N ILE A 64 -15.94 2.96 12.16
CA ILE A 64 -15.60 3.24 13.56
C ILE A 64 -14.38 4.14 13.58
N THR A 65 -14.40 5.11 14.51
CA THR A 65 -13.35 6.12 14.62
C THR A 65 -12.85 6.29 16.05
N ASP A 66 -13.39 5.52 17.00
CA ASP A 66 -12.89 5.60 18.35
C ASP A 66 -11.61 4.79 18.47
N PRO A 67 -10.50 5.38 18.92
CA PRO A 67 -9.24 4.62 18.94
C PRO A 67 -9.31 3.37 19.80
N ASP A 68 -10.09 3.38 20.88
CA ASP A 68 -10.22 2.19 21.72
C ASP A 68 -10.91 1.05 20.98
N MET A 69 -11.99 1.36 20.27
CA MET A 69 -12.69 0.31 19.52
C MET A 69 -11.83 -0.22 18.38
N ILE A 70 -11.01 0.64 17.76
CA ILE A 70 -10.14 0.21 16.68
C ILE A 70 -9.14 -0.84 17.15
N LYS A 71 -8.60 -0.65 18.36
CA LYS A 71 -7.64 -1.59 18.92
C LYS A 71 -8.27 -2.96 19.15
N THR A 72 -9.50 -2.99 19.67
CA THR A 72 -10.23 -4.26 19.84
C THR A 72 -10.32 -5.02 18.53
N VAL A 73 -10.72 -4.32 17.45
CA VAL A 73 -10.91 -4.96 16.16
C VAL A 73 -9.57 -5.37 15.58
N LEU A 74 -8.61 -4.45 15.57
CA LEU A 74 -7.41 -4.70 14.78
C LEU A 74 -6.45 -5.64 15.50
N VAL A 75 -6.36 -5.59 16.84
CA VAL A 75 -5.40 -6.42 17.56
C VAL A 75 -6.08 -7.37 18.55
N LYS A 76 -7.03 -6.86 19.35
CA LYS A 76 -7.45 -7.67 20.50
C LYS A 76 -8.21 -8.94 20.08
N GLU A 77 -9.39 -8.77 19.48
CA GLU A 77 -10.13 -9.95 19.02
C GLU A 77 -9.96 -10.15 17.51
N CYS A 78 -8.75 -9.88 16.99
CA CYS A 78 -8.47 -10.13 15.57
C CYS A 78 -8.67 -11.60 15.23
N TYR A 79 -8.00 -12.48 15.97
CA TYR A 79 -8.04 -13.91 15.68
C TYR A 79 -9.42 -14.51 15.92
N SER A 80 -10.17 -13.98 16.88
CA SER A 80 -11.43 -14.60 17.21
C SER A 80 -12.56 -14.13 16.27
N VAL A 81 -12.57 -12.84 15.90
CA VAL A 81 -13.77 -12.29 15.30
C VAL A 81 -13.46 -11.57 13.98
N PHE A 82 -12.39 -10.79 13.98
CA PHE A 82 -12.14 -9.86 12.89
C PHE A 82 -10.91 -10.31 12.11
N THR A 83 -10.97 -11.51 11.55
CA THR A 83 -9.76 -12.14 11.03
C THR A 83 -9.53 -11.83 9.55
N ASN A 84 -10.59 -11.58 8.78
CA ASN A 84 -10.48 -11.54 7.33
C ASN A 84 -10.92 -10.19 6.76
N ARG A 85 -10.40 -9.84 5.59
CA ARG A 85 -10.85 -8.64 4.92
C ARG A 85 -12.09 -9.00 4.08
N ARG A 86 -12.67 -8.00 3.42
N ARG A 86 -12.67 -7.97 3.45
CA ARG A 86 -13.94 -8.24 2.75
CA ARG A 86 -13.84 -8.27 2.63
C ARG A 86 -13.80 -9.33 1.68
C ARG A 86 -13.41 -8.86 1.30
N PRO A 87 -14.87 -10.08 1.41
N PRO A 87 -14.09 -9.90 0.83
CA PRO A 87 -14.86 -11.00 0.26
CA PRO A 87 -13.93 -10.35 -0.55
C PRO A 87 -14.40 -10.38 -1.06
C PRO A 87 -14.15 -9.19 -1.53
N PHE A 88 -13.30 -10.89 -1.60
N PHE A 88 -13.61 -9.28 -2.75
CA PHE A 88 -12.65 -10.34 -2.78
CA PHE A 88 -13.72 -8.16 -3.67
C PHE A 88 -12.74 -11.35 -3.92
C PHE A 88 -13.80 -8.57 -5.13
N GLY A 89 -13.42 -10.98 -5.01
N GLY A 89 -13.76 -9.86 -5.46
CA GLY A 89 -13.64 -11.90 -6.10
CA GLY A 89 -13.80 -10.28 -6.83
C GLY A 89 -13.86 -11.26 -7.46
C GLY A 89 -13.30 -11.68 -7.04
N PRO A 90 -13.63 -12.04 -8.54
N PRO A 90 -13.50 -12.20 -8.27
CA PRO A 90 -13.09 -13.40 -8.50
CA PRO A 90 -13.07 -13.57 -8.59
C PRO A 90 -11.57 -13.39 -8.39
C PRO A 90 -11.56 -13.69 -8.69
N VAL A 91 -10.96 -14.37 -7.72
CA VAL A 91 -9.51 -14.35 -7.53
C VAL A 91 -8.84 -15.65 -7.97
N GLY A 92 -9.60 -16.66 -8.35
CA GLY A 92 -8.92 -17.85 -8.85
C GLY A 92 -7.97 -18.45 -7.83
N PHE A 93 -6.77 -18.81 -8.29
CA PHE A 93 -5.81 -19.43 -7.39
C PHE A 93 -5.19 -18.44 -6.42
N MET A 94 -5.33 -17.14 -6.69
CA MET A 94 -4.80 -16.15 -5.78
C MET A 94 -5.56 -16.10 -4.48
N LYS A 95 -6.63 -16.89 -4.34
CA LYS A 95 -7.27 -17.08 -3.04
C LYS A 95 -6.23 -17.49 -1.99
N SER A 96 -5.13 -18.10 -2.42
CA SER A 96 -4.11 -18.60 -1.50
C SER A 96 -3.02 -17.55 -1.21
N ALA A 97 -3.19 -16.32 -1.67
CA ALA A 97 -2.27 -15.24 -1.35
C ALA A 97 -2.60 -14.69 0.02
N ILE A 98 -1.57 -14.29 0.78
CA ILE A 98 -1.77 -14.08 2.22
C ILE A 98 -2.75 -12.93 2.48
N SER A 99 -2.69 -11.85 1.68
CA SER A 99 -3.63 -10.74 1.86
C SER A 99 -5.08 -11.14 1.58
N ILE A 100 -5.30 -12.18 0.77
CA ILE A 100 -6.62 -12.68 0.44
C ILE A 100 -7.04 -13.86 1.32
N ALA A 101 -6.09 -14.71 1.69
CA ALA A 101 -6.42 -15.93 2.44
C ALA A 101 -7.16 -15.59 3.73
N GLU A 102 -7.82 -16.60 4.27
CA GLU A 102 -8.77 -16.40 5.35
C GLU A 102 -8.47 -17.30 6.54
N ASP A 103 -8.83 -16.79 7.71
CA ASP A 103 -8.95 -17.58 8.92
C ASP A 103 -7.70 -18.40 9.21
N GLU A 104 -7.81 -19.73 9.16
CA GLU A 104 -6.72 -20.62 9.57
C GLU A 104 -5.67 -20.82 8.48
N GLU A 105 -6.04 -20.78 7.19
CA GLU A 105 -5.00 -20.83 6.19
C GLU A 105 -4.22 -19.52 6.16
N TRP A 106 -4.84 -18.41 6.57
CA TRP A 106 -4.10 -17.15 6.70
C TRP A 106 -3.14 -17.22 7.87
N LYS A 107 -3.60 -17.72 9.01
CA LYS A 107 -2.72 -17.87 10.15
C LYS A 107 -1.51 -18.72 9.78
N ARG A 108 -1.74 -19.85 9.11
CA ARG A 108 -0.65 -20.69 8.63
C ARG A 108 0.27 -19.91 7.68
N LEU A 109 -0.30 -19.23 6.69
CA LEU A 109 0.52 -18.50 5.72
C LEU A 109 1.30 -17.36 6.37
N ARG A 110 0.66 -16.63 7.31
CA ARG A 110 1.35 -15.51 7.97
C ARG A 110 2.50 -16.03 8.83
N SER A 111 2.29 -17.15 9.51
CA SER A 111 3.36 -17.76 10.30
C SER A 111 4.50 -18.28 9.41
N LEU A 112 4.17 -18.81 8.23
CA LEU A 112 5.20 -19.33 7.34
C LEU A 112 5.94 -18.23 6.60
N LEU A 113 5.34 -17.04 6.43
CA LEU A 113 6.05 -15.99 5.71
C LEU A 113 6.68 -14.93 6.62
N SER A 114 6.26 -14.86 7.89
CA SER A 114 6.84 -13.89 8.84
C SER A 114 8.36 -13.89 8.91
N PRO A 115 9.06 -15.03 8.93
CA PRO A 115 10.52 -14.97 9.02
C PRO A 115 11.14 -14.32 7.83
N THR A 116 10.42 -14.29 6.71
CA THR A 116 10.99 -13.73 5.50
C THR A 116 11.11 -12.21 5.58
N PHE A 117 10.40 -11.57 6.52
CA PHE A 117 10.34 -10.12 6.62
C PHE A 117 11.00 -9.57 7.88
N THR A 118 11.83 -10.38 8.54
CA THR A 118 12.57 -9.92 9.71
C THR A 118 13.64 -8.93 9.29
N SER A 119 14.09 -8.12 10.25
CA SER A 119 15.12 -7.14 9.93
C SER A 119 16.44 -7.80 9.53
N GLY A 120 16.67 -9.04 9.96
CA GLY A 120 17.87 -9.74 9.53
C GLY A 120 17.87 -10.01 8.03
N LYS A 121 16.74 -10.47 7.49
CA LYS A 121 16.68 -10.70 6.06
C LYS A 121 16.61 -9.38 5.29
N LEU A 122 15.98 -8.36 5.88
CA LEU A 122 15.96 -7.06 5.21
C LEU A 122 17.37 -6.51 5.13
N LYS A 123 18.18 -6.73 6.18
CA LYS A 123 19.52 -6.17 6.22
C LYS A 123 20.41 -6.80 5.17
N GLU A 124 20.17 -8.10 4.77
CA GLU A 124 20.94 -8.75 3.73
C GLU A 124 20.52 -8.28 2.34
N MET A 125 19.30 -7.74 2.24
CA MET A 125 18.81 -7.22 0.96
C MET A 125 19.21 -5.76 0.68
N VAL A 126 19.72 -5.04 1.69
CA VAL A 126 20.08 -3.63 1.46
C VAL A 126 21.06 -3.47 0.31
N PRO A 127 22.12 -4.29 0.18
CA PRO A 127 23.06 -4.04 -0.93
C PRO A 127 22.44 -4.19 -2.31
N ILE A 128 21.45 -5.06 -2.46
CA ILE A 128 20.83 -5.23 -3.77
C ILE A 128 19.96 -4.02 -4.11
N ILE A 129 19.07 -3.64 -3.19
CA ILE A 129 18.25 -2.44 -3.37
C ILE A 129 19.13 -1.24 -3.67
N ALA A 130 20.16 -1.05 -2.85
CA ALA A 130 21.05 0.11 -2.97
C ALA A 130 21.67 0.22 -4.35
N GLN A 131 22.01 -0.93 -4.96
CA GLN A 131 22.56 -0.93 -6.30
C GLN A 131 21.65 -0.17 -7.26
N TYR A 132 20.35 -0.34 -7.11
CA TYR A 132 19.38 0.36 -7.97
C TYR A 132 19.07 1.76 -7.48
N GLY A 133 19.60 2.17 -6.32
CA GLY A 133 19.79 3.59 -6.11
C GLY A 133 20.67 4.17 -7.20
N ASP A 134 21.83 3.56 -7.41
CA ASP A 134 22.79 4.04 -8.42
C ASP A 134 22.22 4.00 -9.83
N VAL A 135 21.44 2.96 -10.17
CA VAL A 135 20.81 2.95 -11.48
C VAL A 135 19.82 4.10 -11.60
N LEU A 136 19.17 4.47 -10.51
CA LEU A 136 18.24 5.58 -10.55
C LEU A 136 18.95 6.89 -10.84
N VAL A 137 20.17 7.05 -10.36
CA VAL A 137 20.87 8.32 -10.60
C VAL A 137 21.23 8.44 -12.09
N ARG A 138 21.85 7.39 -12.66
CA ARG A 138 22.22 7.38 -14.07
C ARG A 138 21.02 7.66 -14.98
N ASN A 139 19.88 7.03 -14.67
CA ASN A 139 18.67 7.28 -15.45
C ASN A 139 18.17 8.70 -15.24
N LEU A 140 18.32 9.23 -14.04
CA LEU A 140 17.86 10.59 -13.78
C LEU A 140 18.90 11.62 -14.16
N ARG A 141 20.18 11.25 -14.12
CA ARG A 141 21.23 12.19 -14.47
CA ARG A 141 21.22 12.19 -14.46
C ARG A 141 21.09 12.66 -15.91
N ARG A 142 20.64 11.77 -16.80
CA ARG A 142 20.45 12.20 -18.18
C ARG A 142 19.14 12.95 -18.36
N GLU A 143 18.12 12.66 -17.54
CA GLU A 143 16.86 13.39 -17.63
C GLU A 143 16.99 14.81 -17.09
N ALA A 144 18.00 15.07 -16.26
CA ALA A 144 18.25 16.41 -15.77
C ALA A 144 19.29 17.13 -16.61
N GLU A 145 20.30 16.39 -17.10
CA GLU A 145 21.31 17.01 -17.95
C GLU A 145 20.69 17.60 -19.22
N THR A 146 19.53 17.08 -19.63
CA THR A 146 18.73 17.66 -20.71
C THR A 146 17.46 18.23 -20.08
N GLY A 147 17.56 19.46 -19.58
CA GLY A 147 16.56 20.08 -18.73
C GLY A 147 15.10 19.98 -19.17
N LYS A 148 14.64 18.77 -19.41
CA LYS A 148 13.25 18.44 -19.66
C LYS A 148 12.56 18.13 -18.34
N PRO A 149 11.36 18.65 -18.09
CA PRO A 149 10.62 18.25 -16.89
C PRO A 149 10.41 16.74 -16.88
N VAL A 150 10.46 16.16 -15.68
CA VAL A 150 10.53 14.72 -15.52
C VAL A 150 9.24 14.22 -14.88
N THR A 151 8.77 13.06 -15.33
CA THR A 151 7.51 12.47 -14.85
C THR A 151 7.86 11.45 -13.78
N LEU A 152 7.64 11.86 -12.53
CA LEU A 152 8.10 11.10 -11.38
C LEU A 152 7.68 9.64 -11.47
N LYS A 153 6.39 9.42 -11.75
CA LYS A 153 5.79 8.08 -11.78
C LYS A 153 6.63 7.10 -12.59
N ASP A 154 7.20 7.54 -13.72
CA ASP A 154 7.95 6.64 -14.57
C ASP A 154 9.38 6.44 -14.06
N VAL A 155 10.05 7.52 -13.66
CA VAL A 155 11.39 7.36 -13.11
C VAL A 155 11.31 6.56 -11.81
N PHE A 156 10.24 6.74 -11.03
CA PHE A 156 10.11 5.95 -9.80
C PHE A 156 9.55 4.57 -10.08
N GLY A 157 8.60 4.47 -11.02
CA GLY A 157 8.16 3.16 -11.45
C GLY A 157 9.32 2.31 -11.91
N ALA A 158 10.13 2.86 -12.81
CA ALA A 158 11.36 2.17 -13.22
C ALA A 158 12.13 1.67 -12.00
N TYR A 159 12.28 2.53 -10.99
CA TYR A 159 13.07 2.15 -9.81
C TYR A 159 12.40 1.04 -9.03
N SER A 160 11.10 1.21 -8.69
CA SER A 160 10.39 0.20 -7.92
C SER A 160 10.44 -1.15 -8.60
N MET A 161 10.19 -1.16 -9.92
CA MET A 161 10.31 -2.34 -10.75
C MET A 161 11.66 -3.02 -10.58
N ASP A 162 12.75 -2.25 -10.76
CA ASP A 162 14.07 -2.83 -10.62
C ASP A 162 14.27 -3.43 -9.23
N VAL A 163 13.81 -2.73 -8.17
CA VAL A 163 13.93 -3.33 -6.85
C VAL A 163 13.11 -4.61 -6.75
N ILE A 164 11.85 -4.55 -7.21
CA ILE A 164 10.99 -5.73 -7.18
C ILE A 164 11.69 -6.94 -7.80
N THR A 165 12.10 -6.82 -9.09
CA THR A 165 12.58 -7.99 -9.82
C THR A 165 13.82 -8.59 -9.18
N SER A 166 14.73 -7.74 -8.72
CA SER A 166 15.97 -8.24 -8.13
C SER A 166 15.72 -8.77 -6.74
N THR A 167 14.90 -8.08 -5.96
CA THR A 167 14.64 -8.49 -4.59
C THR A 167 13.78 -9.75 -4.52
N SER A 168 12.91 -9.98 -5.50
CA SER A 168 12.03 -11.15 -5.41
C SER A 168 12.54 -12.35 -6.19
N PHE A 169 13.22 -12.15 -7.33
CA PHE A 169 13.65 -13.25 -8.18
C PHE A 169 15.11 -13.19 -8.62
N GLY A 170 15.86 -12.19 -8.18
CA GLY A 170 17.25 -12.09 -8.60
C GLY A 170 17.43 -11.84 -10.07
N VAL A 171 16.48 -11.15 -10.71
CA VAL A 171 16.57 -10.80 -12.11
C VAL A 171 16.93 -9.31 -12.18
N ASN A 172 18.12 -9.02 -12.66
CA ASN A 172 18.74 -7.71 -12.49
C ASN A 172 18.74 -6.98 -13.83
N ILE A 173 17.80 -6.06 -13.99
CA ILE A 173 17.56 -5.37 -15.25
C ILE A 173 17.45 -3.87 -15.01
N ASP A 174 17.71 -3.11 -16.07
CA ASP A 174 17.41 -1.67 -16.13
C ASP A 174 16.10 -1.55 -16.90
N SER A 175 14.99 -1.54 -16.15
CA SER A 175 13.67 -1.56 -16.77
CA SER A 175 13.68 -1.57 -16.78
C SER A 175 13.41 -0.32 -17.62
N LEU A 176 13.93 0.84 -17.19
CA LEU A 176 13.75 2.03 -18.00
C LEU A 176 14.42 1.85 -19.35
N ASN A 177 15.57 1.18 -19.37
CA ASN A 177 16.32 0.98 -20.59
C ASN A 177 16.11 -0.39 -21.20
N ASN A 178 15.19 -1.17 -20.64
CA ASN A 178 14.75 -2.39 -21.29
C ASN A 178 13.24 -2.53 -21.19
N PRO A 179 12.43 -1.53 -21.56
CA PRO A 179 10.98 -1.67 -21.40
C PRO A 179 10.41 -2.74 -22.31
N GLN A 180 11.29 -3.44 -23.01
CA GLN A 180 10.94 -4.55 -23.89
C GLN A 180 11.21 -5.92 -23.28
N ASP A 181 11.96 -5.98 -22.18
CA ASP A 181 12.28 -7.24 -21.54
C ASP A 181 10.99 -7.95 -21.10
N PRO A 182 10.93 -9.28 -21.18
CA PRO A 182 9.73 -9.99 -20.72
C PRO A 182 9.31 -9.70 -19.27
N PHE A 183 10.26 -9.67 -18.32
CA PHE A 183 9.87 -9.49 -16.91
C PHE A 183 9.29 -8.11 -16.63
N VAL A 184 9.75 -7.07 -17.32
CA VAL A 184 9.17 -5.75 -17.07
C VAL A 184 7.89 -5.56 -17.86
N GLU A 185 7.68 -6.36 -18.92
CA GLU A 185 6.46 -6.21 -19.71
C GLU A 185 5.24 -6.66 -18.93
N ASN A 186 5.36 -7.73 -18.14
CA ASN A 186 4.24 -8.32 -17.42
C ASN A 186 3.97 -7.66 -16.07
N THR A 187 5.01 -7.41 -15.30
CA THR A 187 4.81 -6.76 -14.03
C THR A 187 4.28 -5.33 -14.19
N LYS A 188 4.57 -4.67 -15.32
CA LYS A 188 4.02 -3.33 -15.55
C LYS A 188 2.50 -3.33 -15.60
N LYS A 189 1.89 -4.49 -15.88
CA LYS A 189 0.44 -4.64 -15.97
C LYS A 189 -0.21 -5.07 -14.65
N LEU A 190 0.59 -5.25 -13.59
CA LEU A 190 0.08 -5.57 -12.25
C LEU A 190 -0.19 -4.26 -11.50
N LEU A 191 -1.26 -3.60 -11.91
CA LEU A 191 -1.61 -2.30 -11.36
C LEU A 191 -2.63 -2.49 -10.24
N ARG A 192 -2.58 -1.61 -9.26
CA ARG A 192 -3.51 -1.66 -8.13
C ARG A 192 -4.95 -1.60 -8.64
N PHE A 193 -5.85 -2.22 -7.89
CA PHE A 193 -7.26 -2.26 -8.25
C PHE A 193 -7.99 -0.97 -7.87
N ASP A 194 -8.75 -0.42 -8.82
CA ASP A 194 -9.65 0.73 -8.59
C ASP A 194 -11.05 0.17 -8.30
N PHE A 195 -11.42 0.10 -7.01
CA PHE A 195 -12.69 -0.49 -6.61
C PHE A 195 -13.89 0.39 -6.91
N LEU A 196 -13.69 1.54 -7.54
CA LEU A 196 -14.77 2.39 -8.02
C LEU A 196 -14.88 2.41 -9.53
N ASP A 197 -14.11 1.58 -10.24
CA ASP A 197 -14.16 1.53 -11.68
C ASP A 197 -15.39 0.74 -12.13
N PRO A 198 -15.77 0.81 -13.40
CA PRO A 198 -17.04 0.18 -13.79
C PRO A 198 -17.14 -1.27 -13.35
N PHE A 199 -16.06 -2.05 -13.47
CA PHE A 199 -16.18 -3.47 -13.15
C PHE A 199 -16.41 -3.70 -11.67
N PHE A 200 -15.50 -3.19 -10.81
CA PHE A 200 -15.57 -3.50 -9.38
C PHE A 200 -16.82 -2.90 -8.74
N LEU A 201 -17.35 -1.80 -9.28
CA LEU A 201 -18.64 -1.31 -8.80
C LEU A 201 -19.77 -2.25 -9.20
N SER A 202 -19.80 -2.70 -10.47
CA SER A 202 -20.75 -3.73 -10.84
C SER A 202 -20.71 -4.91 -9.86
N ILE A 203 -19.52 -5.39 -9.51
CA ILE A 203 -19.40 -6.51 -8.57
C ILE A 203 -20.11 -6.19 -7.26
N THR A 204 -19.84 -5.00 -6.70
CA THR A 204 -20.49 -4.56 -5.45
C THR A 204 -22.02 -4.62 -5.51
N VAL A 205 -22.61 -4.28 -6.67
CA VAL A 205 -24.05 -4.31 -6.81
C VAL A 205 -24.58 -5.67 -7.29
N PHE A 206 -23.72 -6.51 -7.86
CA PHE A 206 -24.05 -7.90 -8.18
C PHE A 206 -23.01 -8.84 -7.57
N PRO A 207 -22.82 -8.81 -6.24
CA PRO A 207 -21.86 -9.75 -5.64
C PRO A 207 -22.21 -11.21 -5.90
N PHE A 208 -23.50 -11.50 -6.14
CA PHE A 208 -23.95 -12.82 -6.56
C PHE A 208 -23.39 -13.22 -7.92
N LEU A 209 -22.63 -12.36 -8.58
CA LEU A 209 -21.99 -12.70 -9.85
C LEU A 209 -20.56 -13.21 -9.68
N ILE A 210 -19.95 -13.03 -8.49
CA ILE A 210 -18.59 -13.51 -8.29
C ILE A 210 -18.44 -15.01 -8.53
N PRO A 211 -19.32 -15.89 -8.04
CA PRO A 211 -19.11 -17.31 -8.35
C PRO A 211 -19.21 -17.58 -9.82
N ILE A 212 -20.14 -16.90 -10.50
CA ILE A 212 -20.29 -17.09 -11.93
C ILE A 212 -18.97 -16.82 -12.64
N LEU A 213 -18.36 -15.67 -12.36
CA LEU A 213 -17.06 -15.32 -12.91
C LEU A 213 -15.97 -16.32 -12.52
N GLU A 214 -16.03 -16.85 -11.28
CA GLU A 214 -15.05 -17.85 -10.88
C GLU A 214 -15.13 -19.04 -11.79
N VAL A 215 -16.33 -19.47 -12.10
CA VAL A 215 -16.45 -20.73 -12.83
C VAL A 215 -16.03 -20.55 -14.29
N LEU A 216 -15.99 -19.32 -14.80
CA LEU A 216 -15.48 -19.07 -16.15
C LEU A 216 -13.98 -18.77 -16.14
N ASN A 217 -13.30 -18.97 -15.02
CA ASN A 217 -11.87 -18.71 -14.91
C ASN A 217 -11.55 -17.25 -15.23
N ILE A 218 -12.45 -16.34 -14.87
CA ILE A 218 -12.23 -14.92 -15.01
C ILE A 218 -11.68 -14.42 -13.70
N CYS A 219 -10.65 -13.60 -13.79
CA CYS A 219 -9.84 -13.30 -12.62
C CYS A 219 -9.41 -11.83 -12.66
N VAL A 220 -9.51 -11.17 -11.51
CA VAL A 220 -9.04 -9.81 -11.40
C VAL A 220 -7.51 -9.74 -11.49
N PHE A 221 -6.82 -10.85 -11.30
CA PHE A 221 -5.41 -10.93 -11.62
C PHE A 221 -5.32 -11.41 -13.08
N PRO A 222 -4.84 -10.56 -14.04
CA PRO A 222 -4.77 -10.95 -15.46
C PRO A 222 -4.28 -12.37 -15.66
N ARG A 223 -5.08 -13.19 -16.36
CA ARG A 223 -4.83 -14.63 -16.45
CA ARG A 223 -4.83 -14.62 -16.45
C ARG A 223 -3.49 -14.95 -17.10
N GLU A 224 -2.87 -13.99 -17.81
CA GLU A 224 -1.64 -14.23 -18.57
C GLU A 224 -0.36 -13.85 -17.82
N VAL A 225 -0.37 -12.74 -17.08
CA VAL A 225 0.80 -12.40 -16.28
C VAL A 225 1.01 -13.43 -15.17
N THR A 226 -0.08 -13.89 -14.54
CA THR A 226 0.04 -14.91 -13.51
C THR A 226 0.65 -16.19 -14.09
N ASN A 227 0.23 -16.55 -15.30
CA ASN A 227 0.79 -17.73 -15.94
C ASN A 227 2.27 -17.55 -16.25
N PHE A 228 2.65 -16.38 -16.77
CA PHE A 228 4.05 -16.12 -17.07
C PHE A 228 4.92 -16.24 -15.82
N LEU A 229 4.50 -15.59 -14.73
CA LEU A 229 5.22 -15.71 -13.46
C LEU A 229 5.20 -17.13 -12.91
N ARG A 230 4.10 -17.86 -13.09
CA ARG A 230 3.99 -19.19 -12.52
C ARG A 230 4.98 -20.14 -13.19
N LYS A 231 5.14 -20.02 -14.50
CA LYS A 231 6.14 -20.82 -15.19
C LYS A 231 7.55 -20.29 -14.95
N SER A 232 7.71 -18.95 -14.95
CA SER A 232 8.99 -18.35 -14.60
C SER A 232 9.48 -18.83 -13.24
N VAL A 233 8.58 -18.94 -12.27
CA VAL A 233 9.01 -19.41 -10.95
C VAL A 233 9.42 -20.86 -11.01
N LYS A 234 8.56 -21.72 -11.55
CA LYS A 234 8.97 -23.12 -11.73
C LYS A 234 10.17 -23.24 -12.68
N ARG A 235 10.50 -22.21 -13.41
CA ARG A 235 11.66 -22.31 -14.24
C ARG A 235 12.84 -21.94 -13.36
N MET A 236 12.65 -20.73 -12.61
CA MET A 236 13.69 -20.26 -11.70
C MET A 236 14.06 -21.42 -10.89
N LYS A 237 13.17 -22.03 -10.06
CA LYS A 237 13.39 -23.20 -9.25
C LYS A 237 13.60 -24.26 -10.28
N GLU A 238 14.25 -25.37 -9.94
CA GLU A 238 14.52 -26.42 -10.90
C GLU A 238 15.72 -26.03 -11.74
N SER A 239 16.11 -24.76 -11.63
CA SER A 239 17.25 -24.22 -12.35
C SER A 239 18.07 -23.70 -11.17
N ARG A 240 17.43 -22.88 -10.35
CA ARG A 240 18.10 -22.33 -9.18
C ARG A 240 18.80 -23.49 -8.50
N LEU A 241 18.21 -24.68 -8.64
CA LEU A 241 18.77 -25.85 -8.08
C LEU A 241 19.91 -26.02 -9.02
N GLU A 242 21.11 -25.65 -8.59
CA GLU A 242 22.34 -25.75 -9.38
C GLU A 242 22.70 -24.48 -10.17
N GLN A 245 25.34 -22.28 -5.06
CA GLN A 245 25.89 -20.99 -5.45
C GLN A 245 25.48 -19.90 -4.44
N LYS A 246 25.45 -18.66 -4.91
CA LYS A 246 25.08 -17.54 -4.06
C LYS A 246 23.79 -17.81 -3.29
N HIS A 247 22.67 -17.83 -4.02
CA HIS A 247 21.37 -18.09 -3.41
C HIS A 247 21.11 -17.20 -2.21
N ARG A 248 20.16 -17.60 -1.37
CA ARG A 248 19.81 -16.84 -0.18
C ARG A 248 19.90 -15.33 -0.39
N VAL A 249 19.47 -14.88 -1.56
CA VAL A 249 19.50 -13.46 -1.90
C VAL A 249 18.10 -12.87 -1.94
N ASP A 250 17.22 -13.49 -2.73
CA ASP A 250 15.85 -13.03 -2.86
C ASP A 250 14.73 -13.85 -2.27
N PHE A 251 13.60 -13.16 -2.07
CA PHE A 251 12.37 -13.70 -1.55
C PHE A 251 12.09 -15.07 -2.09
N LEU A 252 12.15 -15.21 -3.39
CA LEU A 252 11.93 -16.55 -3.92
C LEU A 252 12.78 -17.56 -3.16
N GLN A 253 14.04 -17.21 -2.86
CA GLN A 253 14.97 -18.16 -2.25
C GLN A 253 14.60 -18.44 -0.79
N LEU A 254 14.28 -17.39 -0.04
CA LEU A 254 13.82 -17.59 1.33
C LEU A 254 12.56 -18.44 1.39
N MET A 255 11.69 -18.36 0.36
CA MET A 255 10.47 -19.16 0.37
C MET A 255 10.76 -20.63 0.02
N ILE A 256 11.63 -20.88 -0.97
CA ILE A 256 11.98 -22.26 -1.29
C ILE A 256 12.62 -22.95 -0.10
N ASP A 257 13.42 -22.20 0.67
CA ASP A 257 14.14 -22.81 1.78
C ASP A 257 13.25 -23.07 2.98
N SER A 258 12.12 -22.38 3.11
CA SER A 258 11.17 -22.71 4.16
C SER A 258 10.36 -23.95 3.83
N GLN A 259 10.27 -24.32 2.54
CA GLN A 259 9.74 -25.62 2.15
C GLN A 259 10.65 -26.78 2.59
N ASN A 260 11.73 -26.48 3.33
CA ASN A 260 12.62 -27.49 3.92
C ASN A 260 12.91 -27.07 5.38
N SER A 261 11.91 -27.25 6.25
CA SER A 261 12.01 -26.83 7.65
C SER A 261 13.20 -27.46 8.38
N SER A 266 5.40 -26.59 12.63
CA SER A 266 4.23 -27.46 12.74
C SER A 266 3.18 -27.11 11.69
N HIS A 267 3.54 -26.31 10.73
CA HIS A 267 2.62 -25.89 9.67
C HIS A 267 3.05 -26.47 8.32
N LYS A 268 2.07 -26.90 7.53
CA LYS A 268 2.34 -27.48 6.23
C LYS A 268 3.12 -26.51 5.35
N ALA A 269 4.37 -26.86 5.05
CA ALA A 269 5.23 -26.02 4.22
C ALA A 269 4.51 -25.59 2.94
N LEU A 270 4.77 -24.36 2.51
CA LEU A 270 4.16 -23.83 1.31
C LEU A 270 4.17 -24.84 0.18
N SER A 271 3.03 -24.94 -0.51
CA SER A 271 2.95 -25.70 -1.73
C SER A 271 3.65 -24.92 -2.85
N ASP A 272 3.99 -25.63 -3.92
CA ASP A 272 4.57 -24.94 -5.06
C ASP A 272 3.65 -23.83 -5.56
N LEU A 273 2.32 -24.05 -5.50
CA LEU A 273 1.37 -23.04 -5.96
C LEU A 273 1.15 -21.94 -4.91
N GLU A 274 1.10 -22.31 -3.63
CA GLU A 274 1.05 -21.29 -2.59
C GLU A 274 2.24 -20.35 -2.72
N LEU A 275 3.41 -20.91 -3.00
CA LEU A 275 4.62 -20.12 -3.16
C LEU A 275 4.46 -19.08 -4.26
N VAL A 276 4.04 -19.54 -5.45
CA VAL A 276 3.86 -18.66 -6.61
C VAL A 276 2.89 -17.53 -6.27
N ALA A 277 1.86 -17.83 -5.50
CA ALA A 277 0.84 -16.84 -5.16
C ALA A 277 1.43 -15.72 -4.32
N GLN A 278 2.32 -16.08 -3.39
CA GLN A 278 2.94 -15.07 -2.55
C GLN A 278 3.91 -14.20 -3.34
N SER A 279 4.71 -14.82 -4.21
CA SER A 279 5.59 -14.03 -5.06
C SER A 279 4.79 -12.98 -5.80
N ILE A 280 3.63 -13.35 -6.33
CA ILE A 280 2.82 -12.42 -7.10
C ILE A 280 2.30 -11.28 -6.22
N ILE A 281 1.73 -11.62 -5.04
CA ILE A 281 1.10 -10.58 -4.21
C ILE A 281 2.14 -9.58 -3.72
N PHE A 282 3.38 -10.03 -3.48
CA PHE A 282 4.45 -9.10 -3.06
C PHE A 282 4.76 -8.07 -4.17
N ILE A 283 4.89 -8.56 -5.41
CA ILE A 283 5.02 -7.70 -6.58
C ILE A 283 3.84 -6.74 -6.67
N PHE A 284 2.64 -7.27 -6.49
CA PHE A 284 1.42 -6.47 -6.59
C PHE A 284 1.37 -5.39 -5.51
N ALA A 285 1.68 -5.77 -4.26
CA ALA A 285 1.71 -4.78 -3.17
C ALA A 285 2.80 -3.73 -3.38
N GLY A 286 4.00 -4.15 -3.77
CA GLY A 286 5.13 -3.23 -3.74
C GLY A 286 5.32 -2.31 -4.93
N TYR A 287 4.96 -2.76 -6.14
CA TYR A 287 5.35 -2.05 -7.35
C TYR A 287 4.76 -0.64 -7.45
N GLU A 288 3.43 -0.54 -7.62
CA GLU A 288 2.84 0.78 -7.84
C GLU A 288 2.77 1.59 -6.56
N THR A 289 2.53 0.95 -5.42
CA THR A 289 2.48 1.70 -4.17
CA THR A 289 2.49 1.66 -4.15
C THR A 289 3.81 2.38 -3.89
N THR A 290 4.93 1.65 -4.03
CA THR A 290 6.22 2.26 -3.73
C THR A 290 6.48 3.46 -4.62
N SER A 291 6.24 3.30 -5.91
CA SER A 291 6.41 4.45 -6.79
C SER A 291 5.42 5.55 -6.44
N SER A 292 4.22 5.20 -5.98
CA SER A 292 3.22 6.23 -5.69
CA SER A 292 3.23 6.23 -5.70
C SER A 292 3.69 7.13 -4.57
N VAL A 293 3.98 6.55 -3.41
CA VAL A 293 4.37 7.38 -2.27
CA VAL A 293 4.40 7.34 -2.25
C VAL A 293 5.67 8.14 -2.58
N LEU A 294 6.60 7.51 -3.30
CA LEU A 294 7.83 8.22 -3.69
C LEU A 294 7.51 9.44 -4.52
N SER A 295 6.53 9.34 -5.42
CA SER A 295 6.09 10.52 -6.16
C SER A 295 5.52 11.54 -5.21
N PHE A 296 4.69 11.08 -4.28
CA PHE A 296 4.06 12.00 -3.32
C PHE A 296 5.10 12.70 -2.45
N ILE A 297 6.16 11.99 -2.04
CA ILE A 297 7.15 12.63 -1.17
C ILE A 297 7.86 13.76 -1.90
N MET A 298 8.25 13.52 -3.15
CA MET A 298 8.98 14.56 -3.88
C MET A 298 8.11 15.77 -4.16
N TYR A 299 6.82 15.56 -4.44
CA TYR A 299 5.91 16.70 -4.62
C TYR A 299 5.91 17.59 -3.39
N GLU A 300 5.91 16.98 -2.21
CA GLU A 300 5.98 17.77 -0.99
C GLU A 300 7.32 18.47 -0.85
N LEU A 301 8.40 17.77 -1.17
CA LEU A 301 9.72 18.39 -1.04
C LEU A 301 9.90 19.54 -2.05
N ALA A 302 9.27 19.45 -3.21
CA ALA A 302 9.40 20.54 -4.20
C ALA A 302 8.63 21.77 -3.77
N THR A 303 7.41 21.58 -3.26
CA THR A 303 6.57 22.65 -2.73
C THR A 303 6.96 23.09 -1.34
N HIS A 304 7.96 22.44 -0.73
CA HIS A 304 8.52 22.85 0.56
C HIS A 304 10.04 22.72 0.48
N PRO A 305 10.71 23.66 -0.21
CA PRO A 305 12.16 23.49 -0.46
C PRO A 305 13.02 23.72 0.77
N ASP A 306 12.50 24.37 1.81
CA ASP A 306 13.15 24.38 3.12
C ASP A 306 13.22 22.97 3.70
N VAL A 307 12.12 22.23 3.62
CA VAL A 307 12.10 20.86 4.11
C VAL A 307 13.07 20.01 3.31
N GLN A 308 13.03 20.16 1.99
CA GLN A 308 13.94 19.43 1.11
C GLN A 308 15.40 19.74 1.43
N GLN A 309 15.70 21.01 1.72
CA GLN A 309 17.06 21.40 2.04
C GLN A 309 17.50 20.85 3.39
N LYS A 310 16.68 21.00 4.42
CA LYS A 310 17.00 20.42 5.73
C LYS A 310 17.28 18.92 5.61
N LEU A 311 16.55 18.21 4.74
CA LEU A 311 16.82 16.81 4.45
C LEU A 311 18.12 16.63 3.69
N GLN A 312 18.42 17.47 2.71
CA GLN A 312 19.71 17.33 2.04
C GLN A 312 20.84 17.44 3.06
N GLU A 313 20.73 18.41 3.98
CA GLU A 313 21.76 18.63 5.00
C GLU A 313 21.90 17.43 5.93
N GLU A 314 20.78 16.85 6.37
CA GLU A 314 20.87 15.66 7.22
C GLU A 314 21.49 14.48 6.48
N ILE A 315 21.21 14.35 5.18
CA ILE A 315 21.80 13.27 4.40
C ILE A 315 23.33 13.43 4.35
N ASP A 316 23.78 14.67 4.12
CA ASP A 316 25.20 14.91 3.96
C ASP A 316 25.94 14.82 5.28
N ALA A 317 25.29 15.18 6.39
CA ALA A 317 25.91 15.02 7.71
C ALA A 317 26.14 13.55 8.03
N VAL A 318 25.15 12.70 7.77
CA VAL A 318 25.30 11.26 8.00
C VAL A 318 26.21 10.64 6.93
N LEU A 319 26.06 11.08 5.69
CA LEU A 319 26.79 10.51 4.56
C LEU A 319 27.57 11.61 3.85
N PRO A 320 28.66 12.09 4.47
CA PRO A 320 29.51 13.08 3.80
C PRO A 320 30.21 12.45 2.61
N ASN A 321 30.33 13.26 1.54
CA ASN A 321 30.96 12.85 0.27
C ASN A 321 30.07 11.94 -0.55
N LYS A 322 28.75 12.14 -0.47
CA LYS A 322 27.79 11.29 -1.15
C LYS A 322 28.06 9.83 -0.81
N ALA A 323 28.48 9.60 0.43
CA ALA A 323 28.77 8.25 0.88
C ALA A 323 27.54 7.36 0.71
N PRO A 324 27.75 6.09 0.38
CA PRO A 324 26.62 5.19 0.14
C PRO A 324 25.79 5.01 1.41
N PRO A 325 24.46 5.02 1.29
CA PRO A 325 23.62 4.67 2.42
C PRO A 325 23.76 3.19 2.75
N THR A 326 23.68 2.88 4.05
CA THR A 326 23.60 1.50 4.52
C THR A 326 22.36 1.35 5.41
N TYR A 327 22.08 0.10 5.80
CA TYR A 327 20.97 -0.17 6.70
C TYR A 327 21.05 0.69 7.95
N ASP A 328 22.19 0.67 8.63
CA ASP A 328 22.29 1.37 9.91
C ASP A 328 22.21 2.88 9.74
N THR A 329 22.77 3.43 8.63
CA THR A 329 22.70 4.86 8.40
C THR A 329 21.29 5.32 8.03
N VAL A 330 20.51 4.46 7.38
CA VAL A 330 19.12 4.80 7.07
C VAL A 330 18.33 4.97 8.35
N LEU A 331 18.47 4.02 9.28
CA LEU A 331 17.67 4.07 10.50
C LEU A 331 18.10 5.21 11.41
N GLN A 332 19.27 5.80 11.13
CA GLN A 332 19.71 6.95 11.90
C GLN A 332 18.94 8.19 11.52
N MET A 333 18.62 8.35 10.23
CA MET A 333 18.17 9.61 9.68
C MET A 333 16.76 9.98 10.14
N GLU A 334 16.69 10.91 11.11
CA GLU A 334 15.45 11.19 11.83
C GLU A 334 14.52 12.13 11.08
N TYR A 335 15.08 13.17 10.44
CA TYR A 335 14.25 14.01 9.57
C TYR A 335 13.69 13.21 8.40
N LEU A 336 14.54 12.40 7.76
CA LEU A 336 14.08 11.49 6.71
C LEU A 336 12.86 10.70 7.15
N ASP A 337 12.96 10.04 8.30
CA ASP A 337 11.81 9.31 8.83
C ASP A 337 10.61 10.24 8.96
N MET A 338 10.82 11.44 9.51
CA MET A 338 9.73 12.40 9.73
C MET A 338 9.04 12.76 8.42
N VAL A 339 9.80 12.93 7.33
CA VAL A 339 9.23 13.32 6.04
C VAL A 339 8.41 12.19 5.46
N VAL A 340 8.91 10.95 5.57
CA VAL A 340 8.21 9.80 5.04
C VAL A 340 6.87 9.63 5.74
N ASN A 341 6.88 9.68 7.07
CA ASN A 341 5.67 9.51 7.86
C ASN A 341 4.65 10.60 7.57
N GLU A 342 5.10 11.84 7.46
CA GLU A 342 4.16 12.92 7.21
C GLU A 342 3.59 12.86 5.81
N THR A 343 4.36 12.33 4.84
CA THR A 343 3.79 12.13 3.51
C THR A 343 2.75 11.02 3.53
N LEU A 344 3.01 9.96 4.31
CA LEU A 344 2.00 8.91 4.49
C LEU A 344 0.81 9.37 5.32
N ARG A 345 0.94 10.39 6.16
CA ARG A 345 -0.28 10.89 6.81
C ARG A 345 -1.22 11.51 5.77
N LEU A 346 -0.70 12.39 4.92
CA LEU A 346 -1.58 13.02 3.95
C LEU A 346 -2.00 12.09 2.83
N PHE A 347 -1.24 11.01 2.56
CA PHE A 347 -1.56 10.10 1.46
C PHE A 347 -1.40 8.66 1.93
N PRO A 348 -2.26 8.21 2.84
CA PRO A 348 -2.25 6.80 3.22
C PRO A 348 -2.82 5.96 2.10
N ILE A 349 -1.96 5.36 1.27
CA ILE A 349 -2.36 4.67 0.04
C ILE A 349 -3.55 3.72 0.25
N ALA A 350 -3.84 3.34 1.49
CA ALA A 350 -4.91 2.37 1.72
C ALA A 350 -6.30 3.00 1.78
N MET A 351 -6.43 4.19 2.37
CA MET A 351 -7.69 4.92 2.57
C MET A 351 -8.58 4.35 3.67
N ARG A 352 -8.85 3.04 3.61
CA ARG A 352 -9.66 2.34 4.60
C ARG A 352 -8.96 1.07 5.03
N LEU A 353 -9.19 0.69 6.27
CA LEU A 353 -8.90 -0.64 6.76
C LEU A 353 -10.23 -1.32 7.07
N GLU A 354 -10.32 -2.61 6.81
CA GLU A 354 -11.58 -3.31 6.94
C GLU A 354 -11.31 -4.71 7.47
N ARG A 355 -12.28 -5.23 8.24
CA ARG A 355 -12.33 -6.62 8.66
C ARG A 355 -13.80 -7.03 8.65
N VAL A 356 -14.05 -8.28 8.31
CA VAL A 356 -15.39 -8.86 8.40
C VAL A 356 -15.63 -9.38 9.81
N CYS A 357 -16.81 -9.09 10.35
CA CYS A 357 -17.23 -9.54 11.67
C CYS A 357 -17.73 -10.98 11.56
N LYS A 358 -16.91 -11.93 12.05
CA LYS A 358 -17.18 -13.37 11.90
C LYS A 358 -18.33 -13.86 12.76
N LYS A 359 -18.60 -13.20 13.89
CA LYS A 359 -19.59 -13.68 14.85
C LYS A 359 -20.37 -12.49 15.37
N ASP A 360 -21.41 -12.76 16.14
CA ASP A 360 -22.06 -11.70 16.89
C ASP A 360 -21.19 -11.35 18.10
N VAL A 361 -20.83 -10.06 18.24
CA VAL A 361 -19.92 -9.62 19.27
C VAL A 361 -20.38 -8.27 19.80
N GLU A 362 -20.01 -7.99 21.06
CA GLU A 362 -20.19 -6.69 21.66
C GLU A 362 -18.79 -6.20 22.02
N ILE A 363 -18.40 -5.06 21.47
CA ILE A 363 -17.07 -4.50 21.71
C ILE A 363 -17.24 -3.07 22.22
N ASN A 364 -16.70 -2.80 23.41
CA ASN A 364 -16.67 -1.44 23.96
C ASN A 364 -18.06 -0.83 24.06
N GLY A 365 -19.09 -1.65 24.24
CA GLY A 365 -20.45 -1.15 24.38
C GLY A 365 -21.24 -0.99 23.09
N MET A 366 -21.09 -1.92 22.15
CA MET A 366 -21.80 -1.81 20.88
C MET A 366 -22.00 -3.21 20.30
N PHE A 367 -23.25 -3.62 20.09
CA PHE A 367 -23.52 -4.89 19.44
C PHE A 367 -23.27 -4.76 17.94
N ILE A 368 -22.36 -5.57 17.42
CA ILE A 368 -22.06 -5.68 16.00
C ILE A 368 -22.50 -7.07 15.53
N PRO A 369 -23.47 -7.18 14.63
CA PRO A 369 -23.92 -8.51 14.20
C PRO A 369 -22.95 -9.13 13.21
N LYS A 370 -23.01 -10.47 13.14
CA LYS A 370 -22.24 -11.24 12.18
C LYS A 370 -22.40 -10.64 10.79
N GLY A 371 -21.35 -10.75 9.98
CA GLY A 371 -21.43 -10.44 8.57
C GLY A 371 -21.27 -8.98 8.20
N VAL A 372 -21.36 -8.08 9.16
CA VAL A 372 -21.04 -6.69 8.89
C VAL A 372 -19.54 -6.62 8.62
N VAL A 373 -19.13 -5.80 7.66
CA VAL A 373 -17.70 -5.47 7.58
C VAL A 373 -17.50 -4.19 8.36
N VAL A 374 -16.57 -4.25 9.30
CA VAL A 374 -16.17 -3.13 10.13
C VAL A 374 -15.04 -2.41 9.40
N MET A 375 -15.16 -1.10 9.28
CA MET A 375 -14.27 -0.30 8.46
CA MET A 375 -14.26 -0.30 8.45
C MET A 375 -13.64 0.79 9.30
N ILE A 376 -12.32 0.93 9.22
CA ILE A 376 -11.62 2.04 9.84
C ILE A 376 -11.19 3.00 8.73
N PRO A 377 -11.62 4.27 8.76
CA PRO A 377 -11.40 5.21 7.65
C PRO A 377 -10.12 6.02 7.78
N SER A 378 -9.00 5.42 7.38
CA SER A 378 -7.68 5.97 7.71
C SER A 378 -7.53 7.38 7.18
N TYR A 379 -7.90 7.60 5.91
CA TYR A 379 -7.73 8.93 5.34
C TYR A 379 -8.44 9.98 6.17
N ALA A 380 -9.63 9.63 6.65
CA ALA A 380 -10.43 10.60 7.41
C ALA A 380 -9.78 10.91 8.75
N LEU A 381 -9.21 9.89 9.39
CA LEU A 381 -8.57 10.08 10.68
C LEU A 381 -7.26 10.84 10.56
N HIS A 382 -6.50 10.58 9.48
CA HIS A 382 -5.25 11.31 9.22
C HIS A 382 -5.47 12.81 8.96
N ARG A 383 -6.69 13.24 8.67
CA ARG A 383 -7.00 14.64 8.38
C ARG A 383 -8.03 15.25 9.34
N ASP A 384 -8.32 14.57 10.45
CA ASP A 384 -9.31 15.05 11.41
C ASP A 384 -8.71 16.19 12.25
N PRO A 385 -9.37 17.35 12.31
CA PRO A 385 -8.90 18.42 13.22
C PRO A 385 -8.79 18.01 14.68
N LYS A 386 -9.70 17.16 15.16
CA LYS A 386 -9.71 16.75 16.56
C LYS A 386 -8.38 16.12 17.01
N TYR A 387 -7.54 15.63 16.09
CA TYR A 387 -6.22 15.11 16.44
C TYR A 387 -5.07 15.84 15.78
N TRP A 388 -5.32 16.58 14.70
CA TRP A 388 -4.26 17.08 13.84
C TRP A 388 -4.42 18.59 13.67
N THR A 389 -3.53 19.34 14.30
CA THR A 389 -3.47 20.77 14.08
CA THR A 389 -3.48 20.77 14.08
C THR A 389 -3.02 21.05 12.65
N GLU A 390 -3.72 21.93 11.95
CA GLU A 390 -3.43 22.25 10.56
C GLU A 390 -3.31 20.98 9.71
N PRO A 391 -4.37 20.17 9.64
CA PRO A 391 -4.21 18.84 9.04
C PRO A 391 -3.93 18.88 7.55
N GLU A 392 -4.33 19.94 6.86
CA GLU A 392 -4.10 20.08 5.43
C GLU A 392 -2.63 20.34 5.08
N LYS A 393 -1.82 20.78 6.06
CA LYS A 393 -0.46 21.24 5.79
C LYS A 393 0.55 20.12 5.93
N PHE A 394 1.50 20.10 5.00
CA PHE A 394 2.63 19.19 5.08
C PHE A 394 3.61 19.73 6.13
N LEU A 395 3.61 19.12 7.32
CA LEU A 395 4.34 19.62 8.48
C LEU A 395 5.08 18.49 9.19
N PRO A 396 6.27 18.14 8.71
CA PRO A 396 7.01 16.99 9.28
C PRO A 396 7.28 17.07 10.77
N GLU A 397 7.27 18.27 11.36
CA GLU A 397 7.58 18.42 12.77
C GLU A 397 6.61 17.68 13.69
N ARG A 398 5.46 17.22 13.20
CA ARG A 398 4.55 16.49 14.07
C ARG A 398 5.11 15.14 14.47
N PHE A 399 6.10 14.63 13.72
CA PHE A 399 6.77 13.37 14.05
C PHE A 399 8.17 13.58 14.58
N SER A 400 8.53 14.81 14.95
CA SER A 400 9.78 15.06 15.63
C SER A 400 9.82 14.28 16.94
N LYS A 401 11.03 13.89 17.37
CA LYS A 401 11.19 13.17 18.63
C LYS A 401 10.55 13.92 19.80
N LYS A 402 10.20 15.19 19.62
CA LYS A 402 9.60 16.00 20.67
C LYS A 402 8.08 15.79 20.74
N ASN A 403 7.41 15.71 19.59
CA ASN A 403 5.95 15.62 19.49
C ASN A 403 5.42 14.25 19.11
N LYS A 404 6.29 13.32 18.69
CA LYS A 404 5.83 12.02 18.21
C LYS A 404 5.00 11.29 19.25
N ASP A 405 5.24 11.54 20.54
CA ASP A 405 4.59 10.76 21.58
C ASP A 405 3.12 11.14 21.77
N ASN A 406 2.67 12.25 21.20
CA ASN A 406 1.26 12.66 21.30
C ASN A 406 0.46 12.30 20.05
N ILE A 407 0.74 11.15 19.42
CA ILE A 407 0.02 10.66 18.24
C ILE A 407 -0.49 9.25 18.53
N ASP A 408 -1.80 9.05 18.44
CA ASP A 408 -2.40 7.74 18.73
C ASP A 408 -2.10 6.77 17.59
N PRO A 409 -1.45 5.64 17.86
CA PRO A 409 -1.16 4.66 16.81
C PRO A 409 -2.38 4.07 16.15
N TYR A 410 -3.57 4.30 16.68
CA TYR A 410 -4.80 3.80 16.08
C TYR A 410 -5.52 4.90 15.30
N ILE A 411 -5.12 6.15 15.47
CA ILE A 411 -5.49 7.18 14.51
C ILE A 411 -4.54 7.19 13.31
N TYR A 412 -3.22 7.14 13.55
CA TYR A 412 -2.22 7.07 12.49
C TYR A 412 -1.82 5.62 12.22
N THR A 413 -2.33 5.04 11.12
CA THR A 413 -2.08 3.63 10.79
C THR A 413 -1.80 3.46 9.30
N PRO A 414 -0.74 4.11 8.79
CA PRO A 414 -0.46 3.99 7.34
C PRO A 414 -0.28 2.54 6.89
N PHE A 415 0.13 1.64 7.79
CA PHE A 415 0.26 0.20 7.56
C PHE A 415 -0.74 -0.63 8.38
N GLY A 416 -1.82 0.00 8.85
CA GLY A 416 -2.71 -0.80 9.68
C GLY A 416 -2.06 -1.14 11.01
N SER A 417 -2.71 -2.05 11.75
CA SER A 417 -2.20 -2.45 13.05
C SER A 417 -2.66 -3.87 13.35
N GLY A 418 -1.91 -4.52 14.25
CA GLY A 418 -2.27 -5.83 14.74
C GLY A 418 -1.65 -6.94 13.92
N PRO A 419 -2.04 -8.18 14.19
CA PRO A 419 -1.43 -9.34 13.50
C PRO A 419 -1.64 -9.34 11.99
N ARG A 420 -2.63 -8.61 11.48
CA ARG A 420 -2.85 -8.58 10.05
C ARG A 420 -2.33 -7.28 9.42
N ASN A 421 -1.41 -6.58 10.08
CA ASN A 421 -0.88 -5.35 9.51
C ASN A 421 0.01 -5.68 8.30
N CYS A 422 0.40 -4.64 7.58
CA CYS A 422 1.30 -4.83 6.44
C CYS A 422 2.54 -5.62 6.81
N ILE A 423 2.70 -6.80 6.22
CA ILE A 423 3.90 -7.57 6.50
C ILE A 423 5.12 -6.95 5.82
N GLY A 424 4.91 -6.06 4.84
CA GLY A 424 6.05 -5.53 4.13
C GLY A 424 6.49 -4.16 4.59
N MET A 425 6.13 -3.76 5.81
CA MET A 425 6.36 -2.37 6.24
C MET A 425 7.86 -2.04 6.33
N ARG A 426 8.64 -2.83 7.09
CA ARG A 426 10.08 -2.55 7.22
C ARG A 426 10.75 -2.47 5.87
N PHE A 427 10.46 -3.44 4.99
CA PHE A 427 11.01 -3.44 3.63
C PHE A 427 10.61 -2.19 2.87
N ALA A 428 9.31 -1.92 2.80
CA ALA A 428 8.86 -0.77 2.04
C ALA A 428 9.54 0.48 2.56
N LEU A 429 9.54 0.68 3.88
CA LEU A 429 10.18 1.86 4.47
C LEU A 429 11.65 1.98 4.06
N MET A 430 12.40 0.88 4.08
CA MET A 430 13.82 0.94 3.76
C MET A 430 14.03 1.16 2.27
N ASN A 431 13.37 0.35 1.44
CA ASN A 431 13.29 0.54 -0.01
C ASN A 431 13.12 1.99 -0.42
N MET A 432 12.11 2.65 0.16
CA MET A 432 11.84 4.04 -0.20
C MET A 432 12.94 4.97 0.30
N LYS A 433 13.38 4.77 1.54
CA LYS A 433 14.40 5.64 2.13
C LYS A 433 15.70 5.58 1.34
N LEU A 434 16.10 4.39 0.88
CA LEU A 434 17.34 4.25 0.12
C LEU A 434 17.26 5.00 -1.21
N ALA A 435 16.09 4.95 -1.86
CA ALA A 435 15.85 5.79 -3.03
C ALA A 435 16.03 7.26 -2.71
N LEU A 436 15.35 7.76 -1.68
CA LEU A 436 15.34 9.20 -1.47
C LEU A 436 16.74 9.72 -1.14
N ILE A 437 17.55 8.94 -0.41
CA ILE A 437 18.89 9.40 -0.04
C ILE A 437 19.74 9.62 -1.28
N ARG A 438 19.91 8.57 -2.09
CA ARG A 438 20.76 8.67 -3.28
C ARG A 438 20.22 9.71 -4.26
N VAL A 439 18.92 9.95 -4.29
CA VAL A 439 18.39 10.96 -5.20
C VAL A 439 18.70 12.37 -4.71
N LEU A 440 18.43 12.66 -3.43
CA LEU A 440 18.68 13.99 -2.89
C LEU A 440 20.17 14.25 -2.69
N GLN A 441 20.98 13.19 -2.61
CA GLN A 441 22.43 13.35 -2.59
C GLN A 441 22.94 13.94 -3.89
N ASN A 442 22.23 13.71 -4.99
CA ASN A 442 22.69 14.14 -6.31
C ASN A 442 21.84 15.23 -6.95
N PHE A 443 20.62 15.49 -6.45
CA PHE A 443 19.66 16.27 -7.21
C PHE A 443 18.82 17.13 -6.28
N SER A 444 18.27 18.20 -6.85
CA SER A 444 17.25 19.03 -6.25
C SER A 444 16.04 19.03 -7.15
N PHE A 445 14.86 19.22 -6.56
CA PHE A 445 13.60 19.12 -7.30
C PHE A 445 12.83 20.42 -7.17
N LYS A 446 12.60 21.08 -8.30
CA LYS A 446 11.91 22.34 -8.28
C LYS A 446 10.57 22.22 -9.01
N PRO A 447 9.56 22.96 -8.58
CA PRO A 447 8.30 23.02 -9.34
C PRO A 447 8.49 23.55 -10.75
N CYS A 448 7.54 23.20 -11.61
CA CYS A 448 7.47 23.68 -12.98
C CYS A 448 6.14 24.42 -13.17
N LYS A 449 6.09 25.24 -14.22
CA LYS A 449 4.81 25.80 -14.63
C LYS A 449 3.75 24.71 -14.72
N GLU A 450 4.14 23.54 -15.21
CA GLU A 450 3.25 22.40 -15.47
C GLU A 450 2.81 21.70 -14.19
N THR A 451 3.45 21.96 -13.06
CA THR A 451 3.13 21.26 -11.83
C THR A 451 1.78 21.73 -11.29
N GLN A 452 0.97 20.76 -10.87
CA GLN A 452 -0.32 21.05 -10.25
C GLN A 452 -0.12 21.47 -8.80
N ILE A 453 -0.34 22.76 -8.50
CA ILE A 453 -0.27 23.26 -7.14
C ILE A 453 -1.54 24.06 -6.88
N PRO A 454 -2.35 23.70 -5.86
CA PRO A 454 -2.05 22.53 -5.02
C PRO A 454 -2.52 21.24 -5.66
N LEU A 455 -1.89 20.13 -5.29
CA LEU A 455 -2.23 18.84 -5.87
C LEU A 455 -3.65 18.46 -5.49
N LYS A 456 -4.33 17.78 -6.41
CA LYS A 456 -5.68 17.29 -6.19
C LYS A 456 -5.71 15.76 -6.28
N LEU A 457 -6.47 15.14 -5.39
CA LEU A 457 -6.64 13.70 -5.44
C LEU A 457 -7.76 13.35 -6.42
N SER A 458 -7.62 12.18 -7.05
CA SER A 458 -8.63 11.65 -7.95
C SER A 458 -9.93 11.38 -7.20
N LEU A 459 -11.05 11.42 -7.93
CA LEU A 459 -12.34 11.03 -7.37
C LEU A 459 -12.62 9.54 -7.55
N GLY A 460 -11.64 8.79 -8.07
CA GLY A 460 -11.74 7.36 -8.23
C GLY A 460 -11.40 6.60 -6.96
N GLY A 461 -11.01 5.33 -7.12
CA GLY A 461 -10.86 4.43 -5.99
C GLY A 461 -9.45 4.31 -5.45
N LEU A 462 -8.45 4.66 -6.27
CA LEU A 462 -7.06 4.68 -5.84
C LEU A 462 -6.70 6.06 -5.32
N LEU A 463 -5.87 6.10 -4.28
CA LEU A 463 -5.35 7.37 -3.78
C LEU A 463 -4.12 7.72 -4.62
N GLN A 464 -4.37 8.39 -5.73
CA GLN A 464 -3.38 8.85 -6.69
C GLN A 464 -3.70 10.28 -7.06
N PRO A 465 -2.72 11.04 -7.57
CA PRO A 465 -3.00 12.44 -7.93
C PRO A 465 -3.85 12.51 -9.19
N GLU A 466 -4.70 13.55 -9.22
CA GLU A 466 -5.49 13.89 -10.39
C GLU A 466 -4.67 13.83 -11.68
N LYS A 467 -3.65 14.69 -11.78
CA LYS A 467 -2.72 14.69 -12.92
C LYS A 467 -1.32 14.31 -12.44
N PRO A 468 -0.55 13.59 -13.27
CA PRO A 468 0.73 13.02 -12.80
C PRO A 468 1.70 14.12 -12.40
N VAL A 469 2.43 13.86 -11.32
CA VAL A 469 3.35 14.84 -10.76
C VAL A 469 4.52 15.00 -11.72
N VAL A 470 4.75 16.24 -12.17
CA VAL A 470 5.89 16.58 -13.03
C VAL A 470 6.68 17.71 -12.37
N LEU A 471 8.01 17.60 -12.39
CA LEU A 471 8.85 18.59 -11.71
C LEU A 471 10.18 18.77 -12.44
N LYS A 472 10.78 19.95 -12.23
CA LYS A 472 12.14 20.21 -12.68
C LYS A 472 13.13 19.56 -11.72
N VAL A 473 14.25 19.09 -12.27
CA VAL A 473 15.30 18.45 -11.47
C VAL A 473 16.66 18.93 -11.98
N GLU A 474 17.44 19.53 -11.09
CA GLU A 474 18.74 20.08 -11.39
CA GLU A 474 18.75 20.08 -11.41
C GLU A 474 19.82 19.29 -10.66
N SER A 475 20.99 19.13 -11.27
CA SER A 475 22.05 18.38 -10.64
C SER A 475 22.77 19.26 -9.62
N ARG A 476 22.91 18.76 -8.38
CA ARG A 476 23.74 19.43 -7.39
C ARG A 476 25.20 19.47 -7.83
N ASP A 477 25.55 18.70 -8.85
CA ASP A 477 26.90 18.56 -9.37
C ASP A 477 27.17 19.61 -10.45
CHA HEM B . -1.20 -5.15 4.10
CHB HEM B . 0.28 -0.62 3.54
CHC HEM B . 4.16 -1.91 0.92
CHD HEM B . 2.77 -6.47 1.54
C1A HEM B . -1.17 -3.80 4.13
C2A HEM B . -2.17 -2.92 4.73
C3A HEM B . -1.73 -1.68 4.56
C4A HEM B . -0.44 -1.73 3.86
CMA HEM B . -2.42 -0.36 4.98
CAA HEM B . -3.47 -3.35 5.42
CBA HEM B . -3.04 -3.54 6.90
CGA HEM B . -4.21 -3.97 7.74
O1A HEM B . -4.18 -3.82 9.00
O2A HEM B . -5.20 -4.45 7.12
C1B HEM B . 1.43 -0.60 2.80
C2B HEM B . 2.19 0.60 2.47
C3B HEM B . 3.26 0.22 1.76
C4B HEM B . 3.20 -1.19 1.60
CMB HEM B . 1.80 2.04 2.93
CAB HEM B . 4.40 1.06 1.12
CBB HEM B . 4.42 2.41 1.09
C1C HEM B . 4.16 -3.27 0.94
C2C HEM B . 5.21 -4.08 0.39
C3C HEM B . 4.85 -5.36 0.55
C4C HEM B . 3.53 -5.38 1.20
CMC HEM B . 6.49 -3.54 -0.24
CAC HEM B . 5.78 -6.50 0.09
CBC HEM B . 5.57 -7.77 0.38
C1D HEM B . 1.57 -6.42 2.25
C2D HEM B . 0.83 -7.62 2.60
C3D HEM B . -0.27 -7.28 3.30
C4D HEM B . -0.22 -5.86 3.46
CMD HEM B . 1.22 -9.06 2.17
CAD HEM B . -1.39 -8.21 3.87
CBD HEM B . -0.90 -8.78 5.23
CGD HEM B . -1.82 -9.89 5.74
O1D HEM B . -1.37 -10.73 6.55
O2D HEM B . -3.02 -9.96 5.35
NA HEM B . -0.13 -3.04 3.62
NB HEM B . 2.09 -1.71 2.27
NC HEM B . 3.14 -4.07 1.41
ND HEM B . 0.91 -5.35 2.80
FE HEM B . 1.51 -3.56 2.54
C1 GOL C . -10.97 8.25 -2.36
O1 GOL C . -11.47 7.29 -3.27
C2 GOL C . -10.62 9.58 -3.02
O2 GOL C . -9.36 10.00 -2.54
C3 GOL C . -11.66 10.68 -2.80
O3 GOL C . -12.46 10.54 -1.65
N1 MYT D . -5.90 -3.04 2.73
C2 MYT D . -5.38 -4.13 2.10
C3 MYT D . -4.31 -3.97 1.15
C4 MYT D . -3.81 -2.69 0.87
C5 MYT D . -4.39 -1.56 1.55
C6 MYT D . -5.45 -1.79 2.48
C7 MYT D . -3.79 -5.21 0.52
O8 MYT D . -3.78 -6.25 1.33
C9 MYT D . -2.19 -6.64 -0.92
C10 MYT D . -2.81 -5.28 -0.76
C11 MYT D . -3.72 -5.00 -1.98
C12 MYT D . -1.61 -4.25 -0.61
C13 MYT D . -0.76 -4.21 0.54
N14 MYT D . 0.24 -3.30 0.63
C15 MYT D . 0.53 -2.42 -0.31
C16 MYT D . -0.25 -2.42 -1.50
C17 MYT D . -1.35 -3.35 -1.63
C1 EDO E . 1.79 -23.04 -14.13
O1 EDO E . 2.89 -23.67 -13.44
C2 EDO E . 2.31 -22.09 -15.20
O2 EDO E . 1.25 -21.28 -15.73
#